data_7LC5
#
_entry.id   7LC5
#
_cell.length_a   53.224
_cell.length_b   105.181
_cell.length_c   73.899
_cell.angle_alpha   90.000
_cell.angle_beta   90.000
_cell.angle_gamma   90.000
#
_symmetry.space_group_name_H-M   'C 2 2 21'
#
loop_
_entity.id
_entity.type
_entity.pdbx_description
1 polymer 'Epoxyqueuosine reductase QueH'
2 non-polymer 'IRON/SULFUR CLUSTER'
3 non-polymer 'FE (III) ION'
4 non-polymer 'CHLORIDE ION'
5 water water
#
_entity_poly.entity_id   1
_entity_poly.type   'polypeptide(L)'
_entity_poly.pdbx_seq_one_letter_code
;MGTVLIHVCCAPDLLTTIFHVRDAEFFFYNPNIQPLSEYEKRREAVDKVANHFSLNVRYGEYSTEEIRKWYTAVKDYKDL
GEGSKRCERCISFLLERTAQEARKRGHESFSTTLLASPRKNLPMIENIGKTIEEKYGVKFFFKNFRKGGAYQEGVRLSKE
LGIYRQNYCGCVFSLLERREKHAEISRKRGHM
;
_entity_poly.pdbx_strand_id   A
#
loop_
_chem_comp.id
_chem_comp.type
_chem_comp.name
_chem_comp.formula
CL non-polymer 'CHLORIDE ION' 'Cl -1'
FE non-polymer 'FE (III) ION' 'Fe 3'
SF4 non-polymer 'IRON/SULFUR CLUSTER' 'Fe4 S4'
#
# COMPACT_ATOMS: atom_id res chain seq x y z
N THR A 3 -0.21 18.06 6.49
CA THR A 3 0.10 16.70 6.92
C THR A 3 -0.49 15.69 5.94
N VAL A 4 0.14 14.50 5.85
CA VAL A 4 -0.19 13.52 4.82
C VAL A 4 -0.48 12.19 5.47
N LEU A 5 -1.53 11.54 5.02
CA LEU A 5 -1.83 10.16 5.41
C LEU A 5 -1.41 9.24 4.28
N ILE A 6 -0.48 8.34 4.56
CA ILE A 6 0.16 7.50 3.54
C ILE A 6 -0.28 6.07 3.77
N HIS A 7 -1.03 5.52 2.82
CA HIS A 7 -1.36 4.10 2.84
C HIS A 7 -0.08 3.29 2.76
N VAL A 8 0.00 2.23 3.57
CA VAL A 8 1.17 1.33 3.58
C VAL A 8 0.77 -0.04 3.10
N CYS A 9 1.42 -0.50 2.01
CA CYS A 9 1.22 -1.85 1.50
C CYS A 9 2.08 -2.89 2.21
N CYS A 10 3.34 -2.55 2.53
CA CYS A 10 4.24 -3.51 3.11
C CYS A 10 5.44 -2.76 3.68
N ALA A 11 6.15 -3.45 4.56
CA ALA A 11 7.29 -2.83 5.23
C ALA A 11 8.45 -2.51 4.30
N PRO A 12 8.81 -3.36 3.34
CA PRO A 12 9.88 -2.96 2.41
C PRO A 12 9.59 -1.66 1.68
N ASP A 13 8.36 -1.48 1.23
CA ASP A 13 8.04 -0.24 0.51
C ASP A 13 7.90 0.93 1.48
N LEU A 14 7.50 0.66 2.72
CA LEU A 14 7.53 1.70 3.74
C LEU A 14 8.95 2.19 3.96
N LEU A 15 9.91 1.25 4.07
CA LEU A 15 11.30 1.66 4.28
C LEU A 15 11.80 2.55 3.15
N THR A 16 11.49 2.21 1.90
CA THR A 16 11.88 3.08 0.80
C THR A 16 11.27 4.47 0.95
N THR A 17 9.98 4.50 1.32
CA THR A 17 9.24 5.76 1.38
C THR A 17 9.79 6.69 2.47
N ILE A 18 10.19 6.15 3.62
CA ILE A 18 10.55 7.02 4.74
C ILE A 18 11.89 7.72 4.57
N PHE A 19 12.67 7.34 3.56
CA PHE A 19 13.81 8.18 3.22
C PHE A 19 13.39 9.56 2.73
N HIS A 20 12.18 9.69 2.21
CA HIS A 20 11.73 10.94 1.60
C HIS A 20 10.72 11.72 2.44
N VAL A 21 9.80 11.05 3.08
CA VAL A 21 8.77 11.73 3.85
C VAL A 21 9.21 11.83 5.29
N ARG A 22 8.81 12.91 5.97
CA ARG A 22 9.26 13.09 7.35
C ARG A 22 8.11 13.32 8.33
N ASP A 23 6.98 13.88 7.87
CA ASP A 23 5.88 14.24 8.76
C ASP A 23 4.60 13.60 8.23
N ALA A 24 4.39 12.33 8.56
CA ALA A 24 3.31 11.55 7.99
C ALA A 24 2.62 10.70 9.04
N GLU A 25 1.33 10.45 8.82
CA GLU A 25 0.62 9.36 9.50
C GLU A 25 0.48 8.24 8.48
N PHE A 26 0.81 7.03 8.87
CA PHE A 26 0.71 5.89 7.98
C PHE A 26 -0.56 5.09 8.27
N PHE A 27 -1.09 4.45 7.24
CA PHE A 27 -2.37 3.74 7.33
C PHE A 27 -2.19 2.36 6.67
N PHE A 28 -2.04 1.34 7.50
CA PHE A 28 -1.89 -0.03 7.00
C PHE A 28 -3.29 -0.61 6.80
N TYR A 29 -3.72 -0.67 5.55
CA TYR A 29 -5.04 -1.18 5.20
C TYR A 29 -4.87 -1.98 3.92
N ASN A 30 -5.05 -3.30 3.99
CA ASN A 30 -4.81 -4.19 2.85
C ASN A 30 -5.65 -5.45 2.95
N PRO A 31 -6.98 -5.32 2.80
CA PRO A 31 -7.82 -6.53 2.76
C PRO A 31 -7.56 -7.39 1.54
N ASN A 32 -6.76 -6.89 0.58
CA ASN A 32 -6.35 -7.66 -0.58
C ASN A 32 -5.32 -8.74 -0.24
N ILE A 33 -4.73 -8.69 0.95
CA ILE A 33 -3.74 -9.69 1.34
C ILE A 33 -4.45 -10.87 1.96
N GLN A 34 -4.29 -12.05 1.36
CA GLN A 34 -4.82 -13.29 1.86
C GLN A 34 -3.73 -14.34 1.82
N PRO A 35 -3.77 -15.31 2.74
CA PRO A 35 -4.73 -15.47 3.83
C PRO A 35 -4.40 -14.63 5.08
N LEU A 36 -5.15 -14.81 6.17
CA LEU A 36 -4.91 -14.03 7.38
C LEU A 36 -3.47 -14.18 7.87
N SER A 37 -2.93 -15.40 7.80
CA SER A 37 -1.56 -15.59 8.27
C SER A 37 -0.57 -14.69 7.53
N GLU A 38 -0.81 -14.45 6.24
CA GLU A 38 0.06 -13.57 5.45
C GLU A 38 -0.17 -12.12 5.80
N TYR A 39 -1.43 -11.72 5.95
CA TYR A 39 -1.74 -10.37 6.42
C TYR A 39 -1.01 -10.08 7.73
N GLU A 40 -1.05 -11.02 8.68
CA GLU A 40 -0.45 -10.76 9.97
C GLU A 40 1.07 -10.71 9.88
N LYS A 41 1.67 -11.57 9.06
CA LYS A 41 3.11 -11.51 8.87
C LYS A 41 3.53 -10.17 8.30
N ARG A 42 2.78 -9.66 7.31
CA ARG A 42 3.13 -8.37 6.73
C ARG A 42 2.88 -7.23 7.72
N ARG A 43 1.77 -7.31 8.47
CA ARG A 43 1.48 -6.29 9.49
C ARG A 43 2.57 -6.26 10.55
N GLU A 44 3.03 -7.43 11.00
CA GLU A 44 4.06 -7.46 12.02
C GLU A 44 5.37 -6.85 11.53
N ALA A 45 5.68 -7.02 10.24
CA ALA A 45 6.89 -6.39 9.71
C ALA A 45 6.75 -4.86 9.69
N VAL A 46 5.57 -4.36 9.32
CA VAL A 46 5.33 -2.92 9.40
C VAL A 46 5.46 -2.43 10.82
N ASP A 47 4.89 -3.17 11.79
CA ASP A 47 5.01 -2.77 13.19
C ASP A 47 6.48 -2.75 13.65
N LYS A 48 7.29 -3.70 13.17
CA LYS A 48 8.70 -3.70 13.53
C LYS A 48 9.39 -2.44 13.02
N VAL A 49 9.11 -2.04 11.77
CA VAL A 49 9.69 -0.82 11.23
C VAL A 49 9.20 0.39 12.02
N ALA A 50 7.90 0.44 12.31
CA ALA A 50 7.34 1.57 13.04
C ALA A 50 7.97 1.71 14.42
N ASN A 51 8.17 0.58 15.11
CA ASN A 51 8.77 0.66 16.44
C ASN A 51 10.23 1.11 16.36
N HIS A 52 10.95 0.64 15.34
CA HIS A 52 12.37 0.97 15.21
C HIS A 52 12.59 2.45 14.93
N PHE A 53 11.73 3.06 14.13
CA PHE A 53 11.89 4.45 13.70
C PHE A 53 10.89 5.41 14.33
N SER A 54 10.09 4.94 15.28
CA SER A 54 9.07 5.75 15.95
C SER A 54 8.09 6.38 14.96
N LEU A 55 7.54 5.55 14.09
CA LEU A 55 6.55 6.02 13.12
C LEU A 55 5.16 5.94 13.71
N ASN A 56 4.28 6.80 13.19
CA ASN A 56 2.89 6.86 13.58
C ASN A 56 2.10 6.06 12.55
N VAL A 57 1.72 4.83 12.91
CA VAL A 57 0.99 3.93 12.02
C VAL A 57 -0.37 3.60 12.63
N ARG A 58 -1.41 3.73 11.82
CA ARG A 58 -2.77 3.32 12.15
C ARG A 58 -3.06 2.06 11.36
N TYR A 59 -3.71 1.08 11.99
CA TYR A 59 -4.01 -0.19 11.37
C TYR A 59 -5.50 -0.27 11.04
N GLY A 60 -5.80 -0.50 9.77
CA GLY A 60 -7.17 -0.54 9.32
C GLY A 60 -7.84 -1.87 9.59
N GLU A 61 -9.10 -1.95 9.16
CA GLU A 61 -9.91 -3.13 9.38
C GLU A 61 -9.46 -4.27 8.49
N TYR A 62 -9.37 -5.46 9.07
CA TYR A 62 -9.17 -6.69 8.33
C TYR A 62 -10.12 -7.72 8.91
N SER A 63 -11.05 -8.19 8.07
CA SER A 63 -12.14 -9.06 8.51
C SER A 63 -12.74 -9.73 7.28
N THR A 64 -13.56 -10.74 7.53
CA THR A 64 -14.27 -11.38 6.43
C THR A 64 -15.11 -10.37 5.65
N GLU A 65 -15.76 -9.45 6.37
CA GLU A 65 -16.56 -8.41 5.72
C GLU A 65 -15.68 -7.51 4.86
N GLU A 66 -14.52 -7.11 5.38
CA GLU A 66 -13.65 -6.21 4.63
C GLU A 66 -13.10 -6.89 3.38
N ILE A 67 -12.71 -8.17 3.50
CA ILE A 67 -12.22 -8.91 2.35
C ILE A 67 -13.31 -9.06 1.30
N ARG A 68 -14.55 -9.28 1.75
CA ARG A 68 -15.65 -9.41 0.79
C ARG A 68 -15.89 -8.12 0.02
N LYS A 69 -15.75 -6.96 0.70
CA LYS A 69 -15.85 -5.68 -0.01
C LYS A 69 -14.77 -5.53 -1.06
N TRP A 70 -13.54 -5.93 -0.74
CA TRP A 70 -12.47 -5.88 -1.74
C TRP A 70 -12.74 -6.82 -2.90
N TYR A 71 -13.15 -8.07 -2.59
CA TYR A 71 -13.36 -9.06 -3.64
C TYR A 71 -14.45 -8.62 -4.61
N THR A 72 -15.52 -8.02 -4.09
CA THR A 72 -16.55 -7.46 -4.95
C THR A 72 -15.98 -6.45 -5.93
N ALA A 73 -14.99 -5.67 -5.49
CA ALA A 73 -14.45 -4.60 -6.32
C ALA A 73 -13.60 -5.13 -7.47
N VAL A 74 -12.96 -6.29 -7.30
CA VAL A 74 -12.02 -6.81 -8.29
C VAL A 74 -12.55 -8.03 -9.04
N LYS A 75 -13.65 -8.63 -8.59
CA LYS A 75 -13.98 -9.99 -9.04
C LYS A 75 -14.30 -10.07 -10.53
N ASP A 76 -14.87 -9.01 -11.11
CA ASP A 76 -15.17 -9.09 -12.53
C ASP A 76 -13.93 -9.10 -13.41
N TYR A 77 -12.73 -9.00 -12.82
CA TYR A 77 -11.48 -9.07 -13.56
C TYR A 77 -10.53 -10.11 -12.97
N LYS A 78 -11.08 -11.09 -12.22
CA LYS A 78 -10.29 -12.20 -11.70
C LYS A 78 -9.32 -12.75 -12.74
N ASP A 79 -9.83 -13.02 -13.94
CA ASP A 79 -9.13 -13.80 -14.95
C ASP A 79 -8.02 -13.03 -15.66
N LEU A 80 -7.91 -11.73 -15.45
CA LEU A 80 -6.86 -10.95 -16.06
C LEU A 80 -5.60 -10.98 -15.19
N GLY A 81 -4.46 -10.73 -15.83
CA GLY A 81 -3.19 -10.84 -15.13
C GLY A 81 -2.96 -9.71 -14.14
N GLU A 82 -1.80 -9.76 -13.51
CA GLU A 82 -1.38 -8.66 -12.65
C GLU A 82 -0.95 -7.48 -13.51
N GLY A 83 -1.35 -6.27 -13.09
CA GLY A 83 -1.13 -5.08 -13.87
C GLY A 83 -2.28 -4.71 -14.78
N SER A 84 -3.36 -5.49 -14.77
CA SER A 84 -4.51 -5.27 -15.65
C SER A 84 -5.54 -4.39 -14.94
N LYS A 85 -6.77 -4.36 -15.46
CA LYS A 85 -7.86 -3.63 -14.81
C LYS A 85 -8.16 -4.16 -13.42
N ARG A 86 -7.82 -5.43 -13.14
CA ARG A 86 -8.00 -5.97 -11.79
C ARG A 86 -7.21 -5.14 -10.77
N CYS A 87 -5.95 -4.83 -11.09
CA CYS A 87 -5.13 -4.06 -10.15
C CYS A 87 -5.56 -2.61 -10.08
N GLU A 88 -6.03 -2.05 -11.20
CA GLU A 88 -6.62 -0.72 -11.15
C GLU A 88 -7.75 -0.66 -10.13
N ARG A 89 -8.63 -1.67 -10.13
CA ARG A 89 -9.74 -1.73 -9.20
C ARG A 89 -9.25 -1.91 -7.77
N CYS A 90 -8.26 -2.77 -7.59
CA CYS A 90 -7.75 -3.07 -6.26
C CYS A 90 -7.11 -1.83 -5.63
N ILE A 91 -6.24 -1.17 -6.39
CA ILE A 91 -5.53 0.00 -5.86
C ILE A 91 -6.49 1.16 -5.62
N SER A 92 -7.48 1.34 -6.51
CA SER A 92 -8.48 2.37 -6.27
C SER A 92 -9.27 2.09 -5.00
N PHE A 93 -9.59 0.81 -4.76
CA PHE A 93 -10.28 0.44 -3.52
C PHE A 93 -9.46 0.84 -2.31
N LEU A 94 -8.16 0.52 -2.31
CA LEU A 94 -7.32 0.84 -1.17
C LEU A 94 -7.15 2.34 -1.02
N LEU A 95 -6.97 3.05 -2.12
CA LEU A 95 -6.72 4.48 -2.03
C LEU A 95 -7.98 5.26 -1.71
N GLU A 96 -9.15 4.75 -2.13
CA GLU A 96 -10.41 5.38 -1.72
C GLU A 96 -10.58 5.34 -0.21
N ARG A 97 -10.33 4.18 0.39
CA ARG A 97 -10.42 4.08 1.85
C ARG A 97 -9.41 4.99 2.53
N THR A 98 -8.20 5.09 1.95
CA THR A 98 -7.17 5.96 2.53
C THR A 98 -7.60 7.42 2.49
N ALA A 99 -8.14 7.86 1.35
CA ALA A 99 -8.59 9.25 1.25
C ALA A 99 -9.75 9.53 2.20
N GLN A 100 -10.67 8.57 2.34
CA GLN A 100 -11.74 8.71 3.33
C GLN A 100 -11.16 8.89 4.72
N GLU A 101 -10.17 8.08 5.08
CA GLU A 101 -9.56 8.20 6.39
C GLU A 101 -8.84 9.53 6.54
N ALA A 102 -8.15 9.98 5.48
CA ALA A 102 -7.46 11.27 5.56
C ALA A 102 -8.44 12.40 5.85
N ARG A 103 -9.56 12.42 5.12
CA ARG A 103 -10.59 13.44 5.37
C ARG A 103 -11.07 13.41 6.82
N LYS A 104 -11.33 12.21 7.34
CA LYS A 104 -11.84 12.05 8.70
C LYS A 104 -10.83 12.51 9.76
N ARG A 105 -9.54 12.27 9.51
CA ARG A 105 -8.50 12.60 10.48
C ARG A 105 -7.87 13.96 10.23
N GLY A 106 -8.43 14.75 9.32
CA GLY A 106 -7.96 16.11 9.13
C GLY A 106 -6.70 16.28 8.32
N HIS A 107 -6.27 15.25 7.59
CA HIS A 107 -5.09 15.39 6.75
C HIS A 107 -5.49 16.02 5.42
N GLU A 108 -4.72 17.00 4.98
CA GLU A 108 -5.04 17.65 3.73
C GLU A 108 -4.51 16.90 2.51
N SER A 109 -3.66 15.89 2.71
CA SER A 109 -3.08 15.14 1.59
C SER A 109 -3.07 13.66 1.94
N PHE A 110 -2.99 12.83 0.90
CA PHE A 110 -2.83 11.38 1.07
C PHE A 110 -1.87 10.87 0.01
N SER A 111 -1.31 9.69 0.28
CA SER A 111 -0.41 9.04 -0.67
C SER A 111 -0.40 7.54 -0.39
N THR A 112 0.56 6.84 -0.99
CA THR A 112 0.71 5.40 -0.77
C THR A 112 2.14 4.97 -0.98
N THR A 113 2.58 4.02 -0.14
CA THR A 113 3.88 3.40 -0.35
C THR A 113 3.92 2.53 -1.59
N LEU A 114 2.78 2.25 -2.22
CA LEU A 114 2.79 1.55 -3.50
C LEU A 114 3.62 2.31 -4.54
N LEU A 115 3.72 3.64 -4.40
CA LEU A 115 4.57 4.43 -5.28
C LEU A 115 6.03 4.05 -5.19
N ALA A 116 6.44 3.35 -4.13
CA ALA A 116 7.82 2.91 -3.98
C ALA A 116 8.05 1.49 -4.49
N SER A 117 7.01 0.80 -4.91
CA SER A 117 7.17 -0.61 -5.28
C SER A 117 7.68 -0.72 -6.70
N PRO A 118 8.77 -1.45 -6.94
CA PRO A 118 9.34 -1.51 -8.30
C PRO A 118 8.43 -2.17 -9.32
N ARG A 119 7.45 -2.98 -8.90
CA ARG A 119 6.64 -3.71 -9.85
C ARG A 119 5.42 -2.92 -10.30
N LYS A 120 5.00 -1.91 -9.54
CA LYS A 120 3.75 -1.24 -9.83
C LYS A 120 3.91 -0.22 -10.95
N ASN A 121 2.78 0.19 -11.51
CA ASN A 121 2.75 1.10 -12.64
C ASN A 121 2.51 2.51 -12.09
N LEU A 122 3.53 3.37 -12.16
CA LEU A 122 3.40 4.73 -11.63
C LEU A 122 2.32 5.56 -12.34
N PRO A 123 2.23 5.58 -13.68
CA PRO A 123 1.13 6.33 -14.30
C PRO A 123 -0.24 5.88 -13.83
N MET A 124 -0.45 4.57 -13.70
CA MET A 124 -1.72 4.06 -13.21
C MET A 124 -2.00 4.59 -11.80
N ILE A 125 -1.02 4.49 -10.90
CA ILE A 125 -1.27 4.94 -9.53
C ILE A 125 -1.54 6.44 -9.49
N GLU A 126 -0.76 7.23 -10.25
CA GLU A 126 -0.99 8.68 -10.23
C GLU A 126 -2.36 9.04 -10.77
N ASN A 127 -2.81 8.34 -11.82
CA ASN A 127 -4.15 8.59 -12.34
C ASN A 127 -5.23 8.25 -11.30
N ILE A 128 -5.08 7.11 -10.62
CA ILE A 128 -6.03 6.74 -9.57
C ILE A 128 -6.03 7.78 -8.48
N GLY A 129 -4.84 8.16 -8.01
CA GLY A 129 -4.76 9.14 -6.92
C GLY A 129 -5.40 10.45 -7.29
N LYS A 130 -5.19 10.91 -8.52
CA LYS A 130 -5.78 12.18 -8.91
C LYS A 130 -7.29 12.08 -9.04
N THR A 131 -7.79 10.94 -9.55
CA THR A 131 -9.23 10.72 -9.60
C THR A 131 -9.84 10.74 -8.20
N ILE A 132 -9.19 10.10 -7.23
CA ILE A 132 -9.71 10.08 -5.87
C ILE A 132 -9.60 11.46 -5.22
N GLU A 133 -8.51 12.18 -5.49
CA GLU A 133 -8.39 13.56 -5.03
C GLU A 133 -9.59 14.39 -5.48
N GLU A 134 -9.95 14.29 -6.77
CA GLU A 134 -11.07 15.07 -7.26
C GLU A 134 -12.39 14.67 -6.61
N LYS A 135 -12.50 13.43 -6.12
CA LYS A 135 -13.75 12.98 -5.52
C LYS A 135 -13.87 13.41 -4.06
N TYR A 136 -12.76 13.40 -3.32
CA TYR A 136 -12.78 13.60 -1.88
C TYR A 136 -12.22 14.94 -1.43
N GLY A 137 -11.52 15.67 -2.29
CA GLY A 137 -10.94 16.93 -1.88
C GLY A 137 -9.73 16.81 -0.98
N VAL A 138 -9.07 15.66 -0.99
CA VAL A 138 -7.79 15.46 -0.32
C VAL A 138 -6.75 15.37 -1.41
N LYS A 139 -5.69 16.17 -1.32
CA LYS A 139 -4.68 16.19 -2.37
C LYS A 139 -3.89 14.89 -2.39
N PHE A 140 -3.70 14.33 -3.57
CA PHE A 140 -2.84 13.18 -3.76
C PHE A 140 -1.39 13.65 -3.94
N PHE A 141 -0.52 13.17 -3.06
CA PHE A 141 0.90 13.49 -3.14
C PHE A 141 1.59 12.39 -3.93
N PHE A 142 2.08 12.74 -5.12
CA PHE A 142 2.84 11.82 -5.94
C PHE A 142 4.33 12.09 -5.77
N LYS A 143 5.08 11.01 -5.65
CA LYS A 143 6.54 11.08 -5.71
C LYS A 143 7.02 9.78 -6.31
N ASN A 144 8.04 9.87 -7.16
CA ASN A 144 8.76 8.68 -7.59
C ASN A 144 9.55 8.16 -6.38
N PHE A 145 8.87 7.50 -5.43
CA PHE A 145 9.49 7.16 -4.14
C PHE A 145 10.73 6.31 -4.28
N ARG A 146 10.92 5.63 -5.41
CA ARG A 146 12.14 4.86 -5.65
C ARG A 146 13.34 5.73 -6.02
N LYS A 147 13.12 6.98 -6.42
CA LYS A 147 14.22 7.78 -6.96
C LYS A 147 15.14 8.27 -5.85
N GLY A 148 16.26 8.86 -6.27
CA GLY A 148 17.35 9.13 -5.35
C GLY A 148 17.97 7.87 -4.82
N GLY A 149 17.94 6.78 -5.59
CA GLY A 149 18.39 5.48 -5.13
C GLY A 149 17.69 4.98 -3.89
N ALA A 150 16.51 5.51 -3.57
CA ALA A 150 15.84 5.16 -2.30
C ALA A 150 15.44 3.70 -2.24
N TYR A 151 15.15 3.09 -3.39
CA TYR A 151 14.78 1.68 -3.40
C TYR A 151 15.91 0.84 -2.85
N GLN A 152 17.13 1.03 -3.36
CA GLN A 152 18.24 0.28 -2.82
C GLN A 152 18.49 0.66 -1.36
N GLU A 153 18.16 1.90 -0.99
CA GLU A 153 18.20 2.26 0.43
C GLU A 153 17.20 1.44 1.24
N GLY A 154 16.00 1.22 0.69
CA GLY A 154 15.04 0.36 1.37
C GLY A 154 15.48 -1.10 1.44
N VAL A 155 16.17 -1.59 0.40
CA VAL A 155 16.68 -2.96 0.44
C VAL A 155 17.70 -3.11 1.57
N ARG A 156 18.64 -2.15 1.68
CA ARG A 156 19.66 -2.24 2.72
C ARG A 156 19.04 -2.22 4.11
N LEU A 157 18.07 -1.33 4.34
CA LEU A 157 17.48 -1.28 5.67
C LEU A 157 16.63 -2.50 5.95
N SER A 158 15.94 -3.02 4.93
CA SER A 158 15.20 -4.27 5.10
C SER A 158 16.12 -5.38 5.60
N LYS A 159 17.29 -5.52 4.99
CA LYS A 159 18.21 -6.58 5.38
C LYS A 159 18.71 -6.38 6.81
N GLU A 160 19.20 -5.17 7.11
CA GLU A 160 19.73 -4.88 8.44
C GLU A 160 18.71 -5.16 9.52
N LEU A 161 17.49 -4.65 9.35
CA LEU A 161 16.46 -4.81 10.35
C LEU A 161 15.81 -6.18 10.36
N GLY A 162 16.12 -7.03 9.39
CA GLY A 162 15.51 -8.36 9.35
C GLY A 162 14.02 -8.30 9.05
N ILE A 163 13.67 -7.57 8.00
CA ILE A 163 12.28 -7.29 7.65
C ILE A 163 11.83 -8.32 6.61
N TYR A 164 10.67 -8.93 6.85
CA TYR A 164 10.10 -9.88 5.91
C TYR A 164 9.85 -9.21 4.56
N ARG A 165 10.38 -9.81 3.50
CA ARG A 165 10.19 -9.38 2.11
C ARG A 165 9.39 -10.45 1.39
N GLN A 166 8.14 -10.15 1.06
CA GLN A 166 7.24 -11.11 0.44
C GLN A 166 7.59 -11.35 -1.03
N ASN A 167 7.08 -12.45 -1.58
CA ASN A 167 7.36 -12.82 -2.97
C ASN A 167 6.11 -12.88 -3.83
N TYR A 168 4.97 -12.38 -3.37
CA TYR A 168 3.78 -12.26 -4.18
C TYR A 168 3.02 -11.02 -3.76
N CYS A 169 2.30 -10.43 -4.71
CA CYS A 169 1.73 -9.10 -4.48
C CYS A 169 0.83 -9.09 -3.25
N GLY A 170 -0.10 -10.03 -3.17
CA GLY A 170 -0.83 -10.17 -1.92
C GLY A 170 -2.11 -10.96 -2.03
N CYS A 171 -2.82 -10.82 -3.15
CA CYS A 171 -4.13 -11.44 -3.27
C CYS A 171 -3.99 -12.88 -3.73
N VAL A 172 -5.09 -13.62 -3.59
CA VAL A 172 -5.08 -15.03 -3.97
C VAL A 172 -4.77 -15.18 -5.46
N PHE A 173 -5.24 -14.25 -6.30
CA PHE A 173 -4.90 -14.28 -7.71
C PHE A 173 -3.39 -14.21 -7.93
N SER A 174 -2.71 -13.33 -7.19
CA SER A 174 -1.27 -13.18 -7.37
C SER A 174 -0.50 -14.38 -6.84
N LEU A 175 -1.02 -15.06 -5.82
CA LEU A 175 -0.35 -16.25 -5.30
C LEU A 175 -0.43 -17.40 -6.30
N LEU A 176 -1.58 -17.53 -6.97
CA LEU A 176 -1.70 -18.53 -8.03
C LEU A 176 -0.76 -18.21 -9.19
N GLU A 177 -0.74 -16.95 -9.61
CA GLU A 177 0.15 -16.54 -10.68
C GLU A 177 1.62 -16.79 -10.35
N ARG A 178 1.96 -16.83 -9.06
CA ARG A 178 3.33 -17.17 -8.67
C ARG A 178 3.66 -18.61 -9.03
N ARG A 179 2.71 -19.53 -8.86
CA ARG A 179 2.96 -20.92 -9.18
C ARG A 179 3.12 -21.14 -10.69
N GLU A 180 2.39 -20.37 -11.49
CA GLU A 180 2.45 -20.44 -12.95
C GLU A 180 2.11 -21.83 -13.49
FE1 SF4 B . -1.73 -6.85 -6.22
FE2 SF4 B . -3.26 -6.64 -8.37
FE3 SF4 B . -4.25 -6.04 -5.95
FE4 SF4 B . -3.78 -8.61 -6.54
S1 SF4 B . -5.30 -7.29 -7.53
S2 SF4 B . -3.19 -7.50 -4.60
S3 SF4 B . -1.94 -8.42 -7.89
S4 SF4 B . -2.57 -4.92 -7.06
FE FE C . 4.52 -2.90 -0.84
CL CL D . 3.54 -4.45 -2.09
#